data_9HCN
#
_entry.id   9HCN
#
_cell.length_a   52.033
_cell.length_b   52.033
_cell.length_c   147.380
_cell.angle_alpha   90.00
_cell.angle_beta   90.00
_cell.angle_gamma   90.00
#
_symmetry.space_group_name_H-M   'P 41 21 2'
#
loop_
_entity.id
_entity.type
_entity.pdbx_description
1 polymer 'Telomeric repeat-binding factor 1'
2 non-polymer N-methyl-2-(methylsulfonyl)aniline
3 non-polymer 1,2-ETHANEDIOL
4 non-polymer 'CALCIUM ION'
5 water water
#
_entity_poly.entity_id   1
_entity_poly.type   'polypeptide(L)'
_entity_poly.pdbx_seq_one_letter_code
;SNAQVQVGAPEEEEEEEEDAGLVAEAEAVAAGWMLDFLCLSLCRAFRDGRSEDFRRTRNSAEAIIHGLSSLTACQLRTIY
ICQFLTRIAAGKTLDAQFENDERITPLESALMIWGSIEKEHDKLHEEIQNLIKIQAIAVCMENGNFKEAEEVFERIFGDP
NSHMPFKSKLLMIISQKDTFHSFFQHFSYNHMMEKIKSYVNYVLSEKSSTFLMKAAAKVVESKR
;
_entity_poly.pdbx_strand_id   A
#
loop_
_chem_comp.id
_chem_comp.type
_chem_comp.name
_chem_comp.formula
CA non-polymer 'CALCIUM ION' 'Ca 2'
EDO non-polymer 1,2-ETHANEDIOL 'C2 H6 O2'
UVA non-polymer N-methyl-2-(methylsulfonyl)aniline 'C8 H11 N O2 S'
#
# COMPACT_ATOMS: atom_id res chain seq x y z
N GLU A 15 -3.18 -18.81 -40.27
CA GLU A 15 -4.32 -19.07 -39.40
C GLU A 15 -3.87 -19.48 -37.99
N GLU A 16 -2.76 -20.22 -37.88
CA GLU A 16 -2.24 -20.68 -36.60
C GLU A 16 -1.71 -19.51 -35.77
N GLU A 17 -1.01 -18.56 -36.41
CA GLU A 17 -0.48 -17.39 -35.72
C GLU A 17 -1.59 -16.39 -35.39
N GLU A 18 -2.61 -16.29 -36.26
CA GLU A 18 -3.74 -15.39 -36.07
C GLU A 18 -4.59 -15.83 -34.88
N ASP A 19 -4.78 -17.15 -34.73
CA ASP A 19 -5.55 -17.70 -33.61
C ASP A 19 -4.76 -17.47 -32.32
N ALA A 20 -3.46 -17.82 -32.31
CA ALA A 20 -2.58 -17.63 -31.17
C ALA A 20 -2.58 -16.19 -30.68
N GLY A 21 -2.62 -15.24 -31.62
CA GLY A 21 -2.64 -13.82 -31.35
C GLY A 21 -3.93 -13.38 -30.66
N LEU A 22 -5.08 -13.83 -31.15
CA LEU A 22 -6.40 -13.51 -30.57
C LEU A 22 -6.51 -14.10 -29.15
N VAL A 23 -5.97 -15.31 -28.96
CA VAL A 23 -5.95 -15.99 -27.68
C VAL A 23 -5.11 -15.18 -26.68
N ALA A 24 -3.93 -14.71 -27.09
CA ALA A 24 -3.06 -13.91 -26.23
C ALA A 24 -3.74 -12.59 -25.85
N GLU A 25 -4.48 -11.98 -26.80
CA GLU A 25 -5.18 -10.74 -26.50
C GLU A 25 -6.28 -11.00 -25.46
N ALA A 26 -7.00 -12.12 -25.60
CA ALA A 26 -8.06 -12.48 -24.65
C ALA A 26 -7.46 -12.74 -23.27
N GLU A 27 -6.30 -13.42 -23.20
CA GLU A 27 -5.63 -13.66 -21.91
C GLU A 27 -5.26 -12.33 -21.24
N ALA A 28 -4.83 -11.31 -22.01
CA ALA A 28 -4.50 -10.01 -21.45
C ALA A 28 -5.75 -9.31 -20.89
N VAL A 29 -6.89 -9.43 -21.59
CA VAL A 29 -8.16 -8.85 -21.09
C VAL A 29 -8.55 -9.50 -19.76
N ALA A 30 -8.54 -10.83 -19.72
CA ALA A 30 -8.91 -11.56 -18.50
C ALA A 30 -7.95 -11.25 -17.35
N ALA A 31 -6.64 -11.11 -17.62
CA ALA A 31 -5.67 -10.77 -16.58
C ALA A 31 -5.93 -9.38 -15.99
N GLY A 32 -6.35 -8.44 -16.83
CA GLY A 32 -6.70 -7.10 -16.37
C GLY A 32 -7.91 -7.13 -15.46
N TRP A 33 -8.91 -7.97 -15.80
CA TRP A 33 -10.09 -8.13 -14.97
C TRP A 33 -9.72 -8.79 -13.62
N MET A 34 -8.79 -9.76 -13.67
CA MET A 34 -8.36 -10.44 -12.45
C MET A 34 -7.57 -9.47 -11.53
N LEU A 35 -6.75 -8.60 -12.09
CA LEU A 35 -5.96 -7.63 -11.30
C LEU A 35 -6.91 -6.68 -10.54
N ASP A 36 -7.95 -6.14 -11.22
CA ASP A 36 -8.90 -5.24 -10.56
C ASP A 36 -9.64 -5.94 -9.43
N PHE A 37 -10.06 -7.20 -9.68
CA PHE A 37 -10.77 -7.97 -8.66
C PHE A 37 -9.88 -8.23 -7.45
N LEU A 38 -8.63 -8.64 -7.70
CA LEU A 38 -7.69 -8.94 -6.61
C LEU A 38 -7.34 -7.68 -5.80
N CYS A 39 -7.25 -6.53 -6.48
CA CYS A 39 -7.01 -5.25 -5.79
C CYS A 39 -8.18 -4.94 -4.85
N LEU A 40 -9.41 -5.07 -5.33
CA LEU A 40 -10.62 -4.87 -4.52
C LEU A 40 -10.65 -5.81 -3.30
N SER A 41 -10.31 -7.09 -3.49
CA SER A 41 -10.28 -8.07 -2.41
CA SER A 41 -10.29 -8.07 -2.43
C SER A 41 -9.18 -7.74 -1.40
N LEU A 42 -8.01 -7.28 -1.89
CA LEU A 42 -6.86 -6.89 -1.03
C LEU A 42 -7.26 -5.66 -0.17
N CYS A 43 -7.92 -4.66 -0.78
CA CYS A 43 -8.39 -3.46 -0.07
C CYS A 43 -9.36 -3.85 1.03
N ARG A 44 -10.32 -4.74 0.72
CA ARG A 44 -11.31 -5.16 1.69
C ARG A 44 -10.68 -5.92 2.85
N ALA A 45 -9.67 -6.79 2.57
CA ALA A 45 -9.01 -7.53 3.65
C ALA A 45 -8.24 -6.57 4.57
N PHE A 46 -7.55 -5.58 3.97
CA PHE A 46 -6.80 -4.55 4.71
C PHE A 46 -7.77 -3.76 5.57
N ARG A 47 -8.90 -3.30 5.00
CA ARG A 47 -9.91 -2.53 5.74
C ARG A 47 -10.48 -3.32 6.92
N ASP A 48 -10.76 -4.61 6.69
CA ASP A 48 -11.34 -5.48 7.72
C ASP A 48 -10.33 -6.01 8.74
N GLY A 49 -9.03 -5.89 8.47
CA GLY A 49 -8.01 -6.47 9.34
C GLY A 49 -7.94 -7.99 9.23
N ARG A 50 -8.34 -8.55 8.07
CA ARG A 50 -8.30 -10.00 7.84
C ARG A 50 -6.88 -10.30 7.36
N SER A 51 -5.95 -10.46 8.31
CA SER A 51 -4.53 -10.66 8.04
CA SER A 51 -4.53 -10.65 8.02
C SER A 51 -4.19 -11.83 7.10
N GLU A 52 -4.76 -13.00 7.34
CA GLU A 52 -4.47 -14.18 6.53
C GLU A 52 -5.06 -14.07 5.11
N ASP A 53 -6.27 -13.54 4.97
CA ASP A 53 -6.86 -13.32 3.65
C ASP A 53 -6.02 -12.28 2.89
N PHE A 54 -5.48 -11.24 3.59
CA PHE A 54 -4.65 -10.23 2.94
C PHE A 54 -3.40 -10.90 2.38
N ARG A 55 -2.76 -11.77 3.18
CA ARG A 55 -1.55 -12.48 2.78
C ARG A 55 -1.81 -13.33 1.54
N ARG A 56 -2.88 -14.12 1.54
CA ARG A 56 -3.12 -14.99 0.40
C ARG A 56 -3.50 -14.19 -0.85
N THR A 57 -4.28 -13.13 -0.68
CA THR A 57 -4.71 -12.31 -1.82
C THR A 57 -3.50 -11.60 -2.42
N ARG A 58 -2.57 -11.16 -1.60
CA ARG A 58 -1.35 -10.52 -2.10
CA ARG A 58 -1.35 -10.52 -2.10
C ARG A 58 -0.50 -11.46 -3.00
N ASN A 59 -0.42 -12.71 -2.55
CA ASN A 59 0.34 -13.69 -3.33
C ASN A 59 -0.31 -13.88 -4.69
N SER A 60 -1.63 -13.95 -4.71
CA SER A 60 -2.35 -14.09 -5.97
C SER A 60 -2.16 -12.87 -6.86
N ALA A 61 -2.19 -11.69 -6.26
CA ALA A 61 -2.02 -10.45 -7.00
C ALA A 61 -0.64 -10.38 -7.63
N GLU A 62 0.39 -10.66 -6.86
CA GLU A 62 1.75 -10.66 -7.39
CA GLU A 62 1.75 -10.66 -7.39
C GLU A 62 1.94 -11.60 -8.61
N ALA A 63 1.38 -12.80 -8.47
CA ALA A 63 1.48 -13.75 -9.57
C ALA A 63 0.77 -13.25 -10.83
N ILE A 64 -0.45 -12.74 -10.69
CA ILE A 64 -1.16 -12.20 -11.84
C ILE A 64 -0.40 -11.05 -12.49
N ILE A 65 0.24 -10.20 -11.66
CA ILE A 65 0.99 -9.05 -12.16
C ILE A 65 2.18 -9.50 -13.00
N HIS A 66 2.86 -10.61 -12.62
CA HIS A 66 3.97 -11.15 -13.41
C HIS A 66 3.58 -11.71 -14.77
N GLY A 67 2.31 -12.00 -14.96
CA GLY A 67 1.80 -12.49 -16.25
C GLY A 67 1.27 -11.35 -17.13
N LEU A 68 1.36 -10.09 -16.66
CA LEU A 68 0.89 -8.93 -17.41
C LEU A 68 2.08 -8.23 -18.07
N SER A 69 1.95 -7.75 -19.32
CA SER A 69 3.05 -7.01 -19.93
C SER A 69 2.71 -5.54 -20.13
N SER A 70 1.77 -5.22 -21.04
CA SER A 70 1.37 -3.83 -21.31
C SER A 70 0.46 -3.38 -20.19
N LEU A 71 0.75 -2.22 -19.61
CA LEU A 71 -0.09 -1.68 -18.55
C LEU A 71 -0.63 -0.33 -18.96
N THR A 72 -1.92 -0.11 -18.77
CA THR A 72 -2.49 1.22 -18.99
C THR A 72 -2.16 2.07 -17.74
N ALA A 73 -2.37 3.40 -17.79
CA ALA A 73 -2.15 4.27 -16.62
C ALA A 73 -3.04 3.79 -15.46
N CYS A 74 -4.28 3.38 -15.76
CA CYS A 74 -5.21 2.86 -14.75
CA CYS A 74 -5.19 2.88 -14.72
C CYS A 74 -4.64 1.62 -14.05
N GLN A 75 -4.09 0.66 -14.84
CA GLN A 75 -3.54 -0.57 -14.27
C GLN A 75 -2.27 -0.32 -13.44
N LEU A 76 -1.45 0.66 -13.84
CA LEU A 76 -0.24 1.00 -13.07
C LEU A 76 -0.67 1.58 -11.70
N ARG A 77 -1.72 2.40 -11.68
CA ARG A 77 -2.25 2.96 -10.42
C ARG A 77 -2.77 1.82 -9.53
N THR A 78 -3.47 0.85 -10.12
CA THR A 78 -3.98 -0.30 -9.36
C THR A 78 -2.83 -1.09 -8.72
N ILE A 79 -1.75 -1.33 -9.49
CA ILE A 79 -0.60 -2.06 -8.98
C ILE A 79 0.06 -1.28 -7.84
N TYR A 80 0.20 0.05 -8.01
CA TYR A 80 0.77 0.91 -6.97
C TYR A 80 -0.05 0.84 -5.69
N ILE A 81 -1.39 0.82 -5.80
CA ILE A 81 -2.23 0.69 -4.60
C ILE A 81 -1.94 -0.65 -3.89
N CYS A 82 -1.85 -1.77 -4.63
CA CYS A 82 -1.56 -3.09 -4.01
C CYS A 82 -0.19 -3.04 -3.30
N GLN A 83 0.84 -2.53 -3.98
CA GLN A 83 2.19 -2.45 -3.43
C GLN A 83 2.22 -1.54 -2.17
N PHE A 84 1.50 -0.41 -2.21
CA PHE A 84 1.44 0.53 -1.09
C PHE A 84 0.86 -0.16 0.16
N LEU A 85 -0.29 -0.86 0.02
CA LEU A 85 -0.89 -1.55 1.18
C LEU A 85 -0.01 -2.68 1.69
N THR A 86 0.72 -3.35 0.80
CA THR A 86 1.62 -4.43 1.22
C THR A 86 2.75 -3.89 2.13
N ARG A 87 3.34 -2.75 1.75
CA ARG A 87 4.40 -2.12 2.53
C ARG A 87 3.88 -1.59 3.86
N ILE A 88 2.66 -1.00 3.87
CA ILE A 88 2.02 -0.53 5.11
C ILE A 88 1.74 -1.74 6.03
N ALA A 89 1.23 -2.84 5.49
CA ALA A 89 0.97 -4.06 6.31
C ALA A 89 2.28 -4.60 6.95
N ALA A 90 3.40 -4.44 6.25
CA ALA A 90 4.73 -4.84 6.72
C ALA A 90 5.50 -3.69 7.42
N GLY A 91 4.83 -2.59 7.76
CA GLY A 91 5.49 -1.40 8.30
C GLY A 91 6.38 -1.63 9.52
N LYS A 92 6.00 -2.59 10.37
CA LYS A 92 6.80 -2.91 11.55
C LYS A 92 7.79 -4.06 11.35
N THR A 93 7.83 -4.66 10.15
CA THR A 93 8.74 -5.76 9.83
C THR A 93 10.02 -5.14 9.28
N LEU A 94 10.92 -4.65 10.15
CA LEU A 94 12.15 -3.99 9.71
C LEU A 94 13.16 -4.89 8.95
N ASP A 95 12.97 -6.22 8.95
CA ASP A 95 13.83 -7.13 8.18
C ASP A 95 13.36 -7.27 6.71
N ALA A 96 12.13 -6.81 6.38
CA ALA A 96 11.62 -6.91 5.01
C ALA A 96 12.31 -5.90 4.09
N GLN A 97 12.87 -6.37 2.97
CA GLN A 97 13.54 -5.52 2.00
C GLN A 97 12.68 -5.41 0.75
N PHE A 98 12.02 -4.26 0.57
CA PHE A 98 11.16 -4.04 -0.61
C PHE A 98 11.87 -3.37 -1.78
N GLU A 99 13.07 -2.78 -1.56
CA GLU A 99 13.77 -2.10 -2.66
C GLU A 99 15.13 -2.76 -2.95
N ASN A 100 15.71 -2.50 -4.13
CA ASN A 100 17.05 -3.01 -4.44
C ASN A 100 18.08 -2.41 -3.45
N ASP A 101 17.86 -1.17 -2.99
CA ASP A 101 18.70 -0.56 -1.97
C ASP A 101 18.17 -1.15 -0.66
N GLU A 102 18.96 -2.03 -0.03
CA GLU A 102 18.60 -2.73 1.20
C GLU A 102 18.43 -1.83 2.43
N ARG A 103 18.85 -0.56 2.36
CA ARG A 103 18.71 0.36 3.50
C ARG A 103 17.28 0.90 3.67
N ILE A 104 16.47 0.87 2.59
CA ILE A 104 15.13 1.45 2.59
C ILE A 104 14.14 0.60 3.39
N THR A 105 13.57 1.19 4.44
CA THR A 105 12.62 0.48 5.27
C THR A 105 11.23 0.39 4.61
N PRO A 106 10.39 -0.55 5.07
CA PRO A 106 9.05 -0.68 4.46
C PRO A 106 8.19 0.61 4.43
N LEU A 107 8.13 1.39 5.53
CA LEU A 107 7.38 2.66 5.51
C LEU A 107 8.02 3.71 4.56
N GLU A 108 9.36 3.72 4.42
CA GLU A 108 10.00 4.63 3.44
C GLU A 108 9.59 4.21 2.02
N SER A 109 9.55 2.90 1.75
CA SER A 109 9.11 2.37 0.45
C SER A 109 7.62 2.72 0.20
N ALA A 110 6.73 2.65 1.23
CA ALA A 110 5.32 3.06 1.08
C ALA A 110 5.22 4.57 0.77
N LEU A 111 6.08 5.38 1.39
CA LEU A 111 6.11 6.84 1.17
C LEU A 111 6.47 7.17 -0.30
N MET A 112 7.40 6.39 -0.90
CA MET A 112 7.84 6.58 -2.29
C MET A 112 6.70 6.29 -3.25
N ILE A 113 5.96 5.22 -3.00
CA ILE A 113 4.82 4.86 -3.84
C ILE A 113 3.70 5.87 -3.65
N TRP A 114 3.47 6.33 -2.42
CA TRP A 114 2.41 7.32 -2.14
C TRP A 114 2.64 8.60 -2.96
N GLY A 115 3.90 8.99 -3.14
CA GLY A 115 4.25 10.17 -3.91
C GLY A 115 4.26 10.00 -5.42
N SER A 116 4.08 8.76 -5.91
CA SER A 116 4.10 8.40 -7.34
C SER A 116 2.72 8.11 -7.91
N ILE A 117 1.74 7.77 -7.06
CA ILE A 117 0.39 7.50 -7.52
C ILE A 117 -0.23 8.73 -8.16
N GLU A 118 -0.89 8.56 -9.32
CA GLU A 118 -1.57 9.65 -9.99
C GLU A 118 -2.91 9.83 -9.29
N LYS A 119 -2.95 10.69 -8.28
CA LYS A 119 -4.14 10.93 -7.47
C LYS A 119 -4.13 12.37 -6.97
N GLU A 120 -5.29 12.85 -6.52
CA GLU A 120 -5.39 14.21 -6.00
C GLU A 120 -4.55 14.38 -4.72
N HIS A 121 -3.89 15.51 -4.57
CA HIS A 121 -3.15 15.79 -3.35
C HIS A 121 -4.06 16.64 -2.45
N ASP A 122 -5.08 15.98 -1.92
CA ASP A 122 -6.02 16.67 -1.04
C ASP A 122 -5.47 16.67 0.41
N LYS A 123 -6.24 17.20 1.40
CA LYS A 123 -5.79 17.26 2.77
C LYS A 123 -5.47 15.86 3.32
N LEU A 124 -6.31 14.86 2.98
CA LEU A 124 -6.12 13.47 3.43
C LEU A 124 -4.83 12.91 2.87
N HIS A 125 -4.49 13.22 1.62
CA HIS A 125 -3.22 12.74 1.02
C HIS A 125 -2.02 13.20 1.88
N GLU A 126 -1.98 14.50 2.23
CA GLU A 126 -0.87 15.06 3.01
C GLU A 126 -0.83 14.56 4.45
N GLU A 127 -1.99 14.38 5.06
CA GLU A 127 -2.08 13.83 6.40
C GLU A 127 -1.51 12.42 6.46
N ILE A 128 -1.84 11.58 5.45
CA ILE A 128 -1.31 10.21 5.39
C ILE A 128 0.21 10.28 5.18
N GLN A 129 0.64 11.13 4.24
CA GLN A 129 2.07 11.32 3.97
C GLN A 129 2.87 11.67 5.26
N ASN A 130 2.39 12.65 6.03
CA ASN A 130 3.09 13.06 7.24
C ASN A 130 3.03 12.00 8.34
N LEU A 131 1.93 11.27 8.44
CA LEU A 131 1.83 10.17 9.42
C LEU A 131 2.80 9.02 9.07
N ILE A 132 2.99 8.71 7.77
CA ILE A 132 3.96 7.68 7.38
C ILE A 132 5.40 8.17 7.74
N LYS A 133 5.69 9.47 7.50
CA LYS A 133 7.01 10.01 7.85
C LYS A 133 7.33 9.88 9.35
N ILE A 134 6.38 10.25 10.23
CA ILE A 134 6.60 10.16 11.67
C ILE A 134 6.80 8.71 12.11
N GLN A 135 5.94 7.81 11.61
CA GLN A 135 6.01 6.41 11.96
C GLN A 135 7.22 5.70 11.39
N ALA A 136 7.78 6.16 10.27
CA ALA A 136 9.00 5.52 9.72
C ALA A 136 10.16 5.66 10.72
N ILE A 137 10.21 6.77 11.44
CA ILE A 137 11.19 7.02 12.47
C ILE A 137 10.76 6.28 13.75
N ALA A 138 9.49 6.44 14.17
CA ALA A 138 8.97 5.78 15.37
C ALA A 138 9.23 4.27 15.43
N VAL A 139 9.02 3.55 14.31
CA VAL A 139 9.22 2.09 14.32
C VAL A 139 10.70 1.75 14.55
N CYS A 140 11.63 2.59 14.07
CA CYS A 140 13.07 2.34 14.31
C CYS A 140 13.39 2.55 15.78
N MET A 141 12.86 3.62 16.38
CA MET A 141 13.09 3.95 17.78
CA MET A 141 13.11 3.91 17.77
C MET A 141 12.58 2.85 18.70
N GLU A 142 11.36 2.35 18.43
CA GLU A 142 10.73 1.31 19.21
C GLU A 142 11.47 -0.02 19.18
N ASN A 143 12.29 -0.26 18.15
CA ASN A 143 13.13 -1.46 18.09
C ASN A 143 14.55 -1.23 18.67
N GLY A 144 14.80 -0.06 19.26
CA GLY A 144 16.11 0.30 19.79
C GLY A 144 17.11 0.63 18.71
N ASN A 145 16.65 0.86 17.46
CA ASN A 145 17.54 1.16 16.34
C ASN A 145 17.66 2.68 16.20
N PHE A 146 18.36 3.32 17.15
CA PHE A 146 18.53 4.76 17.21
C PHE A 146 19.31 5.35 16.02
N LYS A 147 20.40 4.68 15.61
CA LYS A 147 21.19 5.15 14.48
C LYS A 147 20.40 5.02 13.19
N GLU A 148 19.60 3.94 13.05
CA GLU A 148 18.78 3.75 11.86
C GLU A 148 17.70 4.84 11.80
N ALA A 149 17.12 5.22 12.96
CA ALA A 149 16.12 6.29 13.00
C ALA A 149 16.68 7.60 12.46
N GLU A 150 17.93 7.96 12.83
CA GLU A 150 18.59 9.16 12.33
C GLU A 150 18.83 9.10 10.81
N GLU A 151 19.14 7.89 10.29
CA GLU A 151 19.40 7.69 8.87
C GLU A 151 18.10 7.78 8.06
N VAL A 152 17.01 7.22 8.59
CA VAL A 152 15.67 7.29 7.97
C VAL A 152 15.27 8.79 7.95
N PHE A 153 15.50 9.51 9.08
CA PHE A 153 15.24 10.95 9.18
C PHE A 153 15.95 11.74 8.08
N GLU A 154 17.24 11.45 7.83
CA GLU A 154 17.99 12.19 6.82
C GLU A 154 17.49 11.89 5.42
N ARG A 155 17.12 10.63 5.14
CA ARG A 155 16.63 10.27 3.82
C ARG A 155 15.28 10.92 3.54
N ILE A 156 14.42 11.01 4.56
CA ILE A 156 13.10 11.61 4.39
C ILE A 156 13.09 13.15 4.45
N PHE A 157 13.62 13.74 5.53
CA PHE A 157 13.59 15.18 5.78
C PHE A 157 14.78 15.94 5.23
N GLY A 158 14.82 16.08 3.91
CA GLY A 158 15.89 16.80 3.25
N MET A 164 10.32 22.93 9.13
CA MET A 164 11.30 23.14 10.20
C MET A 164 10.78 22.81 11.62
N PRO A 165 9.62 23.34 12.11
CA PRO A 165 9.18 22.97 13.47
C PRO A 165 8.95 21.47 13.64
N PHE A 166 8.32 20.80 12.65
CA PHE A 166 8.06 19.36 12.67
C PHE A 166 9.39 18.61 12.67
N LYS A 167 10.31 19.02 11.79
CA LYS A 167 11.65 18.47 11.63
C LYS A 167 12.47 18.49 12.93
N SER A 168 12.57 19.66 13.58
CA SER A 168 13.38 19.83 14.79
C SER A 168 12.84 19.05 15.99
N LYS A 169 11.51 18.90 16.11
CA LYS A 169 10.93 18.11 17.20
C LYS A 169 11.35 16.64 17.04
N LEU A 170 11.29 16.13 15.81
CA LEU A 170 11.68 14.76 15.51
C LEU A 170 13.14 14.51 15.77
N LEU A 171 14.05 15.42 15.32
CA LEU A 171 15.48 15.24 15.56
C LEU A 171 15.80 15.25 17.05
N MET A 172 15.10 16.10 17.83
N MET A 172 15.11 16.10 17.83
CA MET A 172 15.31 16.18 19.27
CA MET A 172 15.33 16.15 19.28
C MET A 172 14.90 14.87 19.96
C MET A 172 14.93 14.83 19.93
N ILE A 173 13.80 14.24 19.50
CA ILE A 173 13.33 12.96 20.05
C ILE A 173 14.33 11.83 19.73
N ILE A 174 14.88 11.82 18.51
CA ILE A 174 15.85 10.80 18.12
C ILE A 174 17.14 10.91 18.97
N SER A 175 17.63 12.14 19.18
CA SER A 175 18.86 12.39 19.95
C SER A 175 18.70 12.05 21.44
N GLN A 176 17.50 12.26 21.98
CA GLN A 176 17.21 11.91 23.38
C GLN A 176 16.93 10.41 23.56
N LYS A 177 16.75 9.65 22.45
CA LYS A 177 16.38 8.23 22.49
C LYS A 177 15.04 8.02 23.23
N ASP A 178 14.12 8.98 23.08
CA ASP A 178 12.83 8.94 23.75
C ASP A 178 11.85 8.11 22.91
N THR A 179 12.00 6.78 22.98
CA THR A 179 11.20 5.82 22.22
C THR A 179 9.70 6.03 22.44
N PHE A 180 9.26 5.98 23.70
CA PHE A 180 7.85 6.12 24.07
C PHE A 180 7.43 7.58 24.27
N HIS A 181 7.92 8.49 23.44
CA HIS A 181 7.57 9.89 23.53
C HIS A 181 6.08 10.09 23.24
N SER A 182 5.45 11.03 23.96
CA SER A 182 4.04 11.34 23.76
C SER A 182 3.73 11.88 22.35
N PHE A 183 4.74 12.37 21.61
CA PHE A 183 4.54 12.83 20.23
C PHE A 183 4.12 11.66 19.36
N PHE A 184 4.76 10.49 19.55
CA PHE A 184 4.44 9.28 18.81
C PHE A 184 3.09 8.66 19.22
N GLN A 185 2.50 9.09 20.35
CA GLN A 185 1.18 8.65 20.78
C GLN A 185 0.09 9.53 20.15
N HIS A 186 0.39 10.82 19.91
CA HIS A 186 -0.53 11.75 19.26
C HIS A 186 -0.59 11.47 17.75
N PHE A 187 0.55 11.10 17.13
CA PHE A 187 0.58 10.78 15.70
C PHE A 187 1.01 9.33 15.59
N SER A 188 0.19 8.45 16.16
CA SER A 188 0.43 7.02 16.32
C SER A 188 0.30 6.17 15.06
N TYR A 189 0.74 4.90 15.17
CA TYR A 189 0.64 3.90 14.12
C TYR A 189 -0.84 3.59 13.84
N ASN A 190 -1.69 3.58 14.92
CA ASN A 190 -3.12 3.32 14.77
C ASN A 190 -3.79 4.47 14.03
N HIS A 191 -3.38 5.71 14.29
N HIS A 191 -3.37 5.71 14.30
CA HIS A 191 -3.94 6.87 13.59
CA HIS A 191 -3.87 6.92 13.63
C HIS A 191 -3.56 6.84 12.12
C HIS A 191 -3.54 6.87 12.14
N MET A 192 -2.32 6.42 11.81
CA MET A 192 -1.88 6.28 10.40
C MET A 192 -2.75 5.19 9.72
N MET A 193 -2.92 4.03 10.37
CA MET A 193 -3.76 2.95 9.81
C MET A 193 -5.20 3.42 9.59
N GLU A 194 -5.78 4.18 10.53
CA GLU A 194 -7.17 4.64 10.40
C GLU A 194 -7.34 5.62 9.23
N LYS A 195 -6.40 6.56 9.07
CA LYS A 195 -6.43 7.52 7.96
C LYS A 195 -6.29 6.75 6.63
N ILE A 196 -5.37 5.77 6.58
CA ILE A 196 -5.20 4.96 5.37
C ILE A 196 -6.48 4.16 5.06
N LYS A 197 -7.13 3.60 6.10
CA LYS A 197 -8.41 2.89 5.88
C LYS A 197 -9.49 3.80 5.30
N SER A 198 -9.49 5.10 5.65
CA SER A 198 -10.46 6.05 5.06
C SER A 198 -10.24 6.14 3.53
N TYR A 199 -8.96 6.20 3.10
CA TYR A 199 -8.60 6.25 1.68
C TYR A 199 -8.99 4.93 1.01
N VAL A 200 -8.73 3.80 1.68
CA VAL A 200 -9.08 2.48 1.14
C VAL A 200 -10.59 2.37 0.87
N ASN A 201 -11.43 2.96 1.74
CA ASN A 201 -12.87 2.95 1.53
C ASN A 201 -13.27 3.61 0.21
N TYR A 202 -12.57 4.69 -0.16
CA TYR A 202 -12.84 5.37 -1.45
C TYR A 202 -12.44 4.45 -2.62
N VAL A 203 -11.29 3.76 -2.51
CA VAL A 203 -10.86 2.80 -3.56
C VAL A 203 -11.88 1.67 -3.67
N LEU A 204 -12.38 1.17 -2.52
CA LEU A 204 -13.39 0.12 -2.52
C LEU A 204 -14.66 0.55 -3.25
N SER A 205 -15.15 1.79 -3.04
N SER A 205 -15.14 1.79 -3.03
CA SER A 205 -16.37 2.24 -3.73
CA SER A 205 -16.34 2.27 -3.71
C SER A 205 -16.14 2.43 -5.24
C SER A 205 -16.11 2.35 -5.22
N GLU A 206 -14.92 2.85 -5.62
CA GLU A 206 -14.56 3.01 -7.03
C GLU A 206 -14.42 1.68 -7.77
N LYS A 207 -13.81 0.66 -7.15
CA LYS A 207 -13.59 -0.62 -7.82
C LYS A 207 -14.71 -1.66 -7.60
N SER A 208 -15.73 -1.34 -6.79
CA SER A 208 -16.84 -2.30 -6.59
C SER A 208 -17.62 -2.55 -7.88
N SER A 209 -17.54 -1.62 -8.86
CA SER A 209 -18.26 -1.77 -10.12
CA SER A 209 -18.25 -1.78 -10.12
C SER A 209 -17.42 -2.43 -11.23
N THR A 210 -16.19 -2.90 -10.93
CA THR A 210 -15.37 -3.53 -11.98
C THR A 210 -16.01 -4.88 -12.42
N PHE A 211 -15.79 -5.26 -13.69
CA PHE A 211 -16.40 -6.41 -14.34
C PHE A 211 -16.56 -7.69 -13.50
N LEU A 212 -15.46 -8.28 -13.02
CA LEU A 212 -15.51 -9.55 -12.33
C LEU A 212 -16.34 -9.54 -11.03
N MET A 213 -16.17 -8.49 -10.18
CA MET A 213 -16.95 -8.37 -8.95
C MET A 213 -18.43 -8.15 -9.26
N LYS A 214 -18.75 -7.31 -10.26
CA LYS A 214 -20.15 -7.07 -10.65
C LYS A 214 -20.82 -8.37 -11.14
N ALA A 215 -20.14 -9.12 -12.00
CA ALA A 215 -20.70 -10.36 -12.53
C ALA A 215 -20.88 -11.40 -11.41
N ALA A 216 -19.91 -11.51 -10.50
CA ALA A 216 -19.98 -12.46 -9.38
C ALA A 216 -21.12 -12.06 -8.43
N ALA A 217 -21.26 -10.76 -8.15
CA ALA A 217 -22.32 -10.28 -7.27
C ALA A 217 -23.70 -10.55 -7.84
N LYS A 218 -23.85 -10.43 -9.17
CA LYS A 218 -25.10 -10.70 -9.87
C LYS A 218 -25.52 -12.18 -9.74
N VAL A 219 -24.54 -13.10 -9.82
CA VAL A 219 -24.78 -14.54 -9.66
C VAL A 219 -25.27 -14.84 -8.23
N VAL A 220 -24.59 -14.28 -7.23
CA VAL A 220 -24.95 -14.51 -5.82
C VAL A 220 -26.36 -13.99 -5.53
N GLU A 221 -26.65 -12.78 -6.01
CA GLU A 221 -27.97 -12.16 -5.85
C GLU A 221 -29.06 -12.96 -6.53
N SER A 222 -28.81 -13.48 -7.74
CA SER A 222 -29.82 -14.28 -8.45
C SER A 222 -30.19 -15.59 -7.73
N LYS A 223 -29.36 -16.04 -6.79
CA LYS A 223 -29.63 -17.25 -6.00
C LYS A 223 -30.30 -16.94 -4.65
N ARG A 224 -30.62 -15.67 -4.35
CA ARG A 224 -31.23 -15.27 -3.09
C ARG A 224 -32.78 -15.28 -3.13
C4 UVA B . 1.22 -6.91 -3.86
C5 UVA B . 2.52 -6.68 -3.43
C6 UVA B . 3.53 -6.44 -4.34
C7 UVA B . 5.90 -7.75 -3.66
N UVA B . 4.24 -6.23 -6.63
C UVA B . 4.06 -6.41 -8.05
O UVA B . 5.88 -5.39 -4.71
C1 UVA B . 3.24 -6.45 -5.73
C2 UVA B . 1.93 -6.68 -6.14
C3 UVA B . 0.93 -6.91 -5.21
O1 UVA B . 5.07 -5.64 -2.40
S UVA B . 5.17 -6.16 -3.73
C1 EDO C . 16.14 -1.82 6.32
O1 EDO C . 15.66 -1.65 7.65
C2 EDO C . 15.21 -2.70 5.55
O2 EDO C . 15.88 -3.92 5.23
C1 EDO D . 1.06 12.70 -8.63
O1 EDO D . 0.45 13.97 -8.48
C2 EDO D . 2.56 12.86 -8.58
O2 EDO D . 3.16 11.82 -9.34
C1 EDO E . 1.04 -6.94 -5.45
O1 EDO E . 1.93 -6.06 -6.12
C2 EDO E . 1.05 -6.65 -3.97
O2 EDO E . 2.37 -6.78 -3.45
CA CA F . 16.53 -3.84 8.58
#